data_7BND
#
_entry.id   7BND
#
_cell.length_a   59.620
_cell.length_b   72.220
_cell.length_c   78.750
_cell.angle_alpha   90.000
_cell.angle_beta   90.000
_cell.angle_gamma   90.000
#
_symmetry.space_group_name_H-M   'P 21 21 21'
#
loop_
_entity.id
_entity.type
_entity.pdbx_description
1 polymer 'Palmitoleoyl-protein carboxylesterase NOTUM'
2 non-polymer 2-acetamido-2-deoxy-beta-D-glucopyranose
3 non-polymer 'SULFATE ION'
4 non-polymer GLYCEROL
5 non-polymer N-methyl-4,5-dihydrobenzo[g]benzothiophene-2-carboxamide
6 water water
#
_entity_poly.entity_id   1
_entity_poly.type   'polypeptide(L)'
_entity_poly.pdbx_seq_one_letter_code
;ETGSAQQLNEDLRLHLLLNTSVTCNDGSPAGYYLKESRGSRRWLLFLEGGWYCFNRENCDSRYDTMRRLMSSRDWPRTRT
GTGILSSQPEENPYWWNANMVFIPYCSSDVWSGASSKSEKNEYAFMGALIIQEVVRELLGRGLSGAKVLLLAGSSAGGTG
VLLNVDRVAEQLEKLGYPAIQVRGLADSGWFLDNKQYRHTDCVDTITCAPTEAIRRGIRYWNGVVPERCRRQFQEGEEWN
CFFGYKVYPTLRSPVFVVQWLFDEAQLTVDNVHLTGQPVQEGLRLYIQNLGRELRHTLKDVPASFAPACLSHEIIIRSHW
TDVQVKGTSLPRALHCWDRSLHDSHKASKTPLKGCPVHLVDSCPWPHCNPSCPTGTKHHHHHH
;
_entity_poly.pdbx_strand_id   A
#
loop_
_chem_comp.id
_chem_comp.type
_chem_comp.name
_chem_comp.formula
GOL non-polymer GLYCEROL 'C3 H8 O3'
NAG D-saccharide, beta linking 2-acetamido-2-deoxy-beta-D-glucopyranose 'C8 H15 N O6'
SO4 non-polymer 'SULFATE ION' 'O4 S -2'
U5E non-polymer N-methyl-4,5-dihydrobenzo[g]benzothiophene-2-carboxamide 'C14 H13 N O S'
#
# COMPACT_ATOMS: atom_id res chain seq x y z
N ASP A 11 12.93 -2.62 -18.26
CA ASP A 11 12.82 -1.33 -17.60
C ASP A 11 11.46 -0.70 -17.84
N LEU A 12 11.02 0.15 -16.91
CA LEU A 12 9.78 0.90 -17.03
C LEU A 12 10.10 2.34 -17.39
N ARG A 13 9.43 2.87 -18.40
CA ARG A 13 9.71 4.20 -18.91
C ARG A 13 8.84 5.25 -18.22
N LEU A 14 9.46 6.36 -17.86
CA LEU A 14 8.77 7.43 -17.15
C LEU A 14 7.87 8.22 -18.07
N HIS A 15 6.63 8.46 -17.65
CA HIS A 15 5.71 9.37 -18.33
C HIS A 15 5.15 10.34 -17.30
N LEU A 16 5.45 11.62 -17.48
CA LEU A 16 4.86 12.65 -16.64
C LEU A 16 3.42 12.90 -17.08
N LEU A 17 2.55 13.12 -16.10
CA LEU A 17 1.12 13.30 -16.38
C LEU A 17 0.91 14.45 -17.35
N LEU A 18 0.15 14.19 -18.42
CA LEU A 18 -0.08 15.24 -19.41
C LEU A 18 -0.90 16.36 -18.81
N ASN A 19 -1.76 16.05 -17.86
CA ASN A 19 -2.51 17.05 -17.09
C ASN A 19 -1.58 17.57 -16.00
N THR A 20 -0.98 18.75 -16.24
CA THR A 20 0.00 19.31 -15.33
C THR A 20 -0.62 19.92 -14.08
N SER A 21 -1.94 19.91 -13.95
CA SER A 21 -2.58 20.35 -12.72
C SER A 21 -2.57 19.28 -11.63
N VAL A 22 -2.24 18.04 -11.97
CA VAL A 22 -2.13 16.96 -11.00
C VAL A 22 -0.63 16.86 -10.67
N THR A 23 -0.25 17.37 -9.51
CA THR A 23 1.14 17.63 -9.19
C THR A 23 1.58 16.88 -7.93
N CYS A 24 2.89 16.81 -7.77
CA CYS A 24 3.51 16.36 -6.53
C CYS A 24 3.35 17.44 -5.47
N ASN A 25 4.07 17.30 -4.37
CA ASN A 25 3.94 18.26 -3.26
C ASN A 25 4.35 19.67 -3.68
N ASP A 26 5.47 19.80 -4.38
CA ASP A 26 6.02 21.11 -4.72
C ASP A 26 5.46 21.69 -6.01
N GLY A 27 4.40 21.10 -6.57
CA GLY A 27 3.79 21.60 -7.78
C GLY A 27 4.35 21.03 -9.07
N SER A 28 5.47 20.30 -9.01
CA SER A 28 6.00 19.62 -10.17
C SER A 28 5.03 18.51 -10.59
N PRO A 29 5.00 18.16 -11.87
CA PRO A 29 3.99 17.19 -12.34
C PRO A 29 4.24 15.80 -11.76
N ALA A 30 3.15 15.10 -11.48
CA ALA A 30 3.24 13.69 -11.10
C ALA A 30 3.41 12.84 -12.35
N GLY A 31 3.57 11.54 -12.17
CA GLY A 31 3.79 10.69 -13.31
C GLY A 31 3.65 9.22 -12.98
N TYR A 32 4.18 8.38 -13.87
CA TYR A 32 4.12 6.94 -13.73
C TYR A 32 5.15 6.31 -14.66
N TYR A 33 5.69 5.16 -14.25
CA TYR A 33 6.59 4.38 -15.07
C TYR A 33 5.81 3.22 -15.69
N LEU A 34 6.02 2.99 -16.98
CA LEU A 34 5.22 2.06 -17.75
C LEU A 34 6.10 1.09 -18.52
N LYS A 35 5.75 -0.19 -18.46
CA LYS A 35 6.26 -1.20 -19.39
C LYS A 35 5.06 -1.94 -19.97
N GLU A 36 4.80 -1.73 -21.26
CA GLU A 36 3.66 -2.35 -21.91
C GLU A 36 3.97 -3.81 -22.26
N SER A 37 2.93 -4.63 -22.26
CA SER A 37 3.01 -6.03 -22.67
C SER A 37 1.85 -6.25 -23.64
N ARG A 38 2.13 -6.14 -24.94
CA ARG A 38 1.08 -6.12 -25.95
C ARG A 38 0.29 -7.41 -26.01
N GLY A 39 0.85 -8.52 -25.50
CA GLY A 39 0.15 -9.78 -25.55
C GLY A 39 -0.58 -10.13 -24.26
N SER A 40 -0.83 -9.13 -23.42
CA SER A 40 -1.47 -9.35 -22.14
C SER A 40 -2.60 -8.35 -21.92
N ARG A 41 -3.67 -8.81 -21.28
CA ARG A 41 -4.78 -7.96 -20.89
C ARG A 41 -4.81 -7.71 -19.38
N ARG A 42 -3.70 -7.97 -18.70
CA ARG A 42 -3.60 -7.81 -17.26
C ARG A 42 -2.68 -6.62 -16.97
N TRP A 43 -3.14 -5.73 -16.08
CA TRP A 43 -2.46 -4.48 -15.79
C TRP A 43 -2.23 -4.37 -14.29
N LEU A 44 -0.96 -4.16 -13.90
CA LEU A 44 -0.57 -4.04 -12.50
C LEU A 44 -0.10 -2.62 -12.24
N LEU A 45 -0.84 -1.91 -11.39
CA LEU A 45 -0.51 -0.52 -11.04
C LEU A 45 -0.04 -0.52 -9.59
N PHE A 46 1.25 -0.27 -9.38
CA PHE A 46 1.87 -0.35 -8.06
C PHE A 46 2.02 1.03 -7.47
N LEU A 47 1.56 1.20 -6.23
CA LEU A 47 1.66 2.46 -5.50
C LEU A 47 2.86 2.41 -4.56
N GLU A 48 3.82 3.30 -4.76
CA GLU A 48 4.98 3.35 -3.88
C GLU A 48 4.57 3.87 -2.50
N GLY A 49 5.34 3.46 -1.49
CA GLY A 49 5.17 3.94 -0.14
C GLY A 49 6.28 4.88 0.30
N GLY A 50 6.30 5.16 1.60
CA GLY A 50 7.33 6.02 2.17
C GLY A 50 6.82 7.04 3.18
N TRP A 51 6.02 6.58 4.13
CA TRP A 51 5.55 7.39 5.28
C TRP A 51 4.69 8.54 4.74
N TYR A 52 4.79 9.73 5.35
CA TYR A 52 3.92 10.88 5.04
C TYR A 52 4.43 12.06 5.87
N CYS A 53 3.77 13.20 5.71
CA CYS A 53 4.02 14.36 6.56
C CYS A 53 2.70 15.08 6.80
N PHE A 54 2.51 15.62 8.00
CA PHE A 54 1.19 16.08 8.43
C PHE A 54 1.11 17.56 8.82
N ASN A 55 2.20 18.32 8.74
CA ASN A 55 2.13 19.76 8.96
C ASN A 55 3.12 20.45 8.03
N ARG A 56 3.07 21.79 8.04
CA ARG A 56 3.95 22.56 7.17
C ARG A 56 5.42 22.34 7.52
N GLU A 57 5.76 22.43 8.80
CA GLU A 57 7.15 22.40 9.20
C GLU A 57 7.75 21.00 9.11
N ASN A 58 6.92 19.96 9.26
CA ASN A 58 7.41 18.60 9.07
C ASN A 58 7.53 18.23 7.60
N CYS A 59 6.63 18.76 6.75
CA CYS A 59 6.79 18.57 5.31
C CYS A 59 8.00 19.35 4.79
N ASP A 60 8.29 20.50 5.39
CA ASP A 60 9.48 21.25 5.02
C ASP A 60 10.74 20.42 5.25
N SER A 61 10.81 19.70 6.37
CA SER A 61 11.96 18.84 6.64
C SER A 61 12.03 17.69 5.64
N ARG A 62 10.88 17.11 5.30
CA ARG A 62 10.83 16.06 4.29
C ARG A 62 11.31 16.58 2.93
N TYR A 63 11.10 17.86 2.65
CA TYR A 63 11.54 18.44 1.39
C TYR A 63 13.05 18.59 1.32
N ASP A 64 13.74 18.65 2.47
CA ASP A 64 15.19 18.80 2.46
C ASP A 64 15.90 17.49 2.15
N THR A 65 15.44 16.39 2.72
CA THR A 65 16.17 15.13 2.66
C THR A 65 15.41 13.99 2.00
N MET A 66 14.15 14.20 1.62
CA MET A 66 13.36 13.19 0.91
C MET A 66 12.63 13.84 -0.26
N ARG A 67 13.35 14.67 -1.02
CA ARG A 67 12.70 15.49 -2.05
C ARG A 67 12.09 14.65 -3.16
N ARG A 68 12.68 13.50 -3.49
CA ARG A 68 12.12 12.66 -4.53
C ARG A 68 10.74 12.13 -4.16
N LEU A 69 10.43 12.05 -2.87
CA LEU A 69 9.08 11.73 -2.41
C LEU A 69 8.17 12.94 -2.36
N MET A 70 8.64 14.10 -2.84
CA MET A 70 7.84 15.31 -2.86
C MET A 70 7.95 16.05 -4.18
N SER A 71 8.70 15.54 -5.15
CA SER A 71 8.96 16.26 -6.38
C SER A 71 9.37 15.26 -7.46
N SER A 72 9.07 15.61 -8.71
CA SER A 72 9.47 14.81 -9.86
C SER A 72 10.62 15.43 -10.63
N ARG A 73 11.18 16.54 -10.14
CA ARG A 73 12.21 17.25 -10.87
C ARG A 73 13.49 16.44 -11.03
N ASP A 74 13.71 15.44 -10.20
CA ASP A 74 14.95 14.66 -10.24
C ASP A 74 14.70 13.17 -10.49
N TRP A 75 13.50 12.79 -10.89
CA TRP A 75 13.22 11.38 -11.15
C TRP A 75 14.03 10.89 -12.34
N PRO A 76 14.51 9.65 -12.30
CA PRO A 76 15.19 9.10 -13.48
C PRO A 76 14.20 8.78 -14.59
N ARG A 77 14.74 8.64 -15.80
CA ARG A 77 13.89 8.37 -16.96
C ARG A 77 13.39 6.94 -17.00
N THR A 78 14.08 6.01 -16.34
CA THR A 78 13.70 4.60 -16.34
C THR A 78 13.78 4.05 -14.93
N ARG A 79 13.16 2.89 -14.74
CA ARG A 79 13.17 2.19 -13.47
C ARG A 79 13.11 0.69 -13.74
N THR A 80 13.85 -0.09 -12.96
CA THR A 80 13.88 -1.53 -13.14
C THR A 80 12.71 -2.18 -12.41
N GLY A 81 11.94 -3.00 -13.13
CA GLY A 81 10.84 -3.72 -12.51
C GLY A 81 11.36 -4.88 -11.71
N THR A 82 11.09 -4.90 -10.41
CA THR A 82 11.58 -5.93 -9.51
C THR A 82 10.41 -6.61 -8.80
N GLY A 83 10.60 -7.88 -8.48
CA GLY A 83 9.59 -8.62 -7.73
C GLY A 83 8.34 -8.82 -8.57
N ILE A 84 7.20 -8.38 -8.04
CA ILE A 84 5.95 -8.50 -8.78
C ILE A 84 5.94 -7.61 -10.02
N LEU A 85 6.80 -6.61 -10.09
CA LEU A 85 6.94 -5.78 -11.28
C LEU A 85 7.99 -6.30 -12.24
N SER A 86 8.58 -7.46 -11.97
CA SER A 86 9.54 -8.05 -12.89
C SER A 86 8.83 -8.84 -13.97
N SER A 87 9.44 -8.87 -15.16
CA SER A 87 8.91 -9.60 -16.29
C SER A 87 9.57 -10.95 -16.50
N GLN A 88 10.55 -11.30 -15.69
CA GLN A 88 11.12 -12.63 -15.76
C GLN A 88 10.29 -13.60 -14.94
N PRO A 89 9.83 -14.71 -15.52
CA PRO A 89 9.02 -15.66 -14.74
C PRO A 89 9.77 -16.24 -13.55
N GLU A 90 11.09 -16.33 -13.63
CA GLU A 90 11.88 -16.80 -12.50
C GLU A 90 11.69 -15.90 -11.28
N GLU A 91 11.66 -14.58 -11.49
CA GLU A 91 11.50 -13.64 -10.40
C GLU A 91 10.04 -13.37 -10.08
N ASN A 92 9.15 -13.49 -11.06
CA ASN A 92 7.73 -13.22 -10.87
C ASN A 92 6.92 -14.35 -11.50
N PRO A 93 6.76 -15.46 -10.79
CA PRO A 93 5.90 -16.54 -11.31
C PRO A 93 4.44 -16.16 -11.45
N TYR A 94 4.01 -15.05 -10.83
CA TYR A 94 2.60 -14.69 -10.80
C TYR A 94 2.16 -13.98 -12.09
N TRP A 95 2.70 -12.79 -12.32
CA TRP A 95 2.21 -11.90 -13.38
C TRP A 95 3.37 -11.39 -14.23
N TRP A 96 4.29 -12.28 -14.61
CA TRP A 96 5.49 -11.83 -15.33
C TRP A 96 5.15 -11.22 -16.68
N ASN A 97 4.03 -11.63 -17.29
CA ASN A 97 3.67 -11.17 -18.63
C ASN A 97 2.73 -9.97 -18.61
N ALA A 98 2.39 -9.43 -17.44
CA ALA A 98 1.41 -8.37 -17.36
C ALA A 98 2.02 -7.02 -17.71
N ASN A 99 1.15 -6.06 -17.99
CA ASN A 99 1.57 -4.67 -18.16
C ASN A 99 1.92 -4.08 -16.80
N MET A 100 3.10 -3.49 -16.70
CA MET A 100 3.65 -3.03 -15.43
C MET A 100 3.56 -1.52 -15.33
N VAL A 101 3.04 -1.02 -14.21
CA VAL A 101 2.93 0.41 -13.95
C VAL A 101 3.43 0.67 -12.53
N PHE A 102 4.44 1.53 -12.42
CA PHE A 102 4.97 1.97 -11.13
C PHE A 102 4.61 3.44 -10.96
N ILE A 103 3.83 3.76 -9.93
CA ILE A 103 3.39 5.13 -9.67
C ILE A 103 4.20 5.66 -8.51
N PRO A 104 5.17 6.57 -8.75
CA PRO A 104 5.96 7.11 -7.64
C PRO A 104 5.10 7.87 -6.63
N TYR A 105 5.48 7.75 -5.36
CA TYR A 105 4.77 8.38 -4.25
C TYR A 105 5.38 9.76 -4.02
N CYS A 106 4.69 10.80 -4.48
CA CYS A 106 5.21 12.16 -4.33
C CYS A 106 4.17 13.10 -3.75
N SER A 107 3.21 12.57 -2.98
CA SER A 107 2.17 13.39 -2.37
C SER A 107 2.17 13.36 -0.85
N SER A 108 2.92 12.45 -0.22
CA SER A 108 3.11 12.45 1.24
C SER A 108 1.79 12.45 2.00
N ASP A 109 0.75 11.86 1.40
CA ASP A 109 -0.59 11.92 1.97
C ASP A 109 -1.25 10.55 2.08
N VAL A 110 -0.45 9.48 2.02
CA VAL A 110 -0.93 8.10 2.03
C VAL A 110 -1.95 7.95 0.90
N TRP A 111 -1.70 8.64 -0.22
CA TRP A 111 -2.51 8.53 -1.43
C TRP A 111 -3.97 8.93 -1.19
N SER A 112 -4.19 9.88 -0.28
CA SER A 112 -5.55 10.28 0.08
C SER A 112 -5.92 11.71 -0.29
N GLY A 113 -4.94 12.56 -0.61
CA GLY A 113 -5.23 13.97 -0.76
C GLY A 113 -5.89 14.31 -2.09
N ALA A 114 -6.62 15.43 -2.08
CA ALA A 114 -7.25 15.95 -3.29
C ALA A 114 -7.30 17.47 -3.25
N SER A 115 -6.27 18.09 -2.69
CA SER A 115 -6.17 19.55 -2.61
C SER A 115 -4.92 20.02 -3.34
N SER A 116 -5.06 21.10 -4.10
CA SER A 116 -3.99 21.62 -4.93
C SER A 116 -3.29 22.78 -4.24
N LYS A 117 -2.02 23.00 -4.61
CA LYS A 117 -1.25 24.10 -4.05
C LYS A 117 -1.76 25.43 -4.57
N SER A 118 -2.03 26.36 -3.66
CA SER A 118 -2.57 27.67 -4.02
C SER A 118 -1.84 28.71 -3.17
N GLU A 119 -2.44 29.90 -3.05
CA GLU A 119 -1.88 30.92 -2.17
C GLU A 119 -2.07 30.58 -0.70
N LYS A 120 -2.95 29.63 -0.38
CA LYS A 120 -3.19 29.24 1.01
C LYS A 120 -2.46 27.96 1.41
N ASN A 121 -1.97 27.18 0.46
CA ASN A 121 -1.31 25.91 0.74
C ASN A 121 0.13 25.97 0.21
N GLU A 122 1.09 25.72 1.10
CA GLU A 122 2.49 25.67 0.67
C GLU A 122 2.77 24.42 -0.16
N TYR A 123 2.02 23.34 0.06
CA TYR A 123 2.21 22.10 -0.67
C TYR A 123 0.88 21.61 -1.22
N ALA A 124 0.96 20.87 -2.33
CA ALA A 124 -0.19 20.19 -2.92
C ALA A 124 -0.21 18.74 -2.44
N PHE A 125 -1.39 18.27 -2.04
CA PHE A 125 -1.59 16.89 -1.61
C PHE A 125 -2.68 16.29 -2.49
N MET A 126 -2.26 15.60 -3.55
CA MET A 126 -3.19 15.13 -4.57
C MET A 126 -3.04 13.64 -4.85
N GLY A 127 -2.70 12.86 -3.83
CA GLY A 127 -2.46 11.43 -4.05
C GLY A 127 -3.66 10.72 -4.65
N ALA A 128 -4.87 11.04 -4.18
CA ALA A 128 -6.06 10.39 -4.72
C ALA A 128 -6.32 10.77 -6.16
N LEU A 129 -6.04 12.03 -6.51
CA LEU A 129 -6.22 12.47 -7.89
C LEU A 129 -5.10 11.98 -8.80
N ILE A 130 -3.92 11.66 -8.25
CA ILE A 130 -2.83 11.13 -9.05
C ILE A 130 -3.20 9.75 -9.60
N ILE A 131 -3.71 8.87 -8.73
CA ILE A 131 -4.15 7.55 -9.15
C ILE A 131 -5.23 7.68 -10.22
N GLN A 132 -6.23 8.52 -9.96
CA GLN A 132 -7.32 8.75 -10.91
C GLN A 132 -6.78 9.19 -12.26
N GLU A 133 -5.83 10.13 -12.26
CA GLU A 133 -5.31 10.67 -13.51
C GLU A 133 -4.46 9.64 -14.25
N VAL A 134 -3.73 8.79 -13.52
CA VAL A 134 -2.93 7.75 -14.15
C VAL A 134 -3.83 6.73 -14.84
N VAL A 135 -4.85 6.22 -14.11
CA VAL A 135 -5.79 5.28 -14.70
C VAL A 135 -6.45 5.89 -15.94
N ARG A 136 -6.90 7.14 -15.80
CA ARG A 136 -7.43 7.89 -16.95
C ARG A 136 -6.46 7.94 -18.13
N GLU A 137 -5.21 8.33 -17.90
CA GLU A 137 -4.31 8.46 -19.05
C GLU A 137 -3.83 7.12 -19.59
N LEU A 138 -3.88 6.06 -18.78
CA LEU A 138 -3.47 4.74 -19.26
C LEU A 138 -4.50 4.09 -20.18
N LEU A 139 -5.75 4.56 -20.14
CA LEU A 139 -6.78 3.94 -20.98
C LEU A 139 -6.45 4.07 -22.46
N GLY A 140 -5.80 5.17 -22.85
CA GLY A 140 -5.39 5.36 -24.23
C GLY A 140 -4.13 4.63 -24.64
N ARG A 141 -3.48 3.94 -23.70
CA ARG A 141 -2.26 3.20 -24.01
C ARG A 141 -2.43 1.70 -23.81
N GLY A 142 -3.67 1.21 -23.82
CA GLY A 142 -3.95 -0.22 -23.72
C GLY A 142 -4.88 -0.61 -22.58
N LEU A 143 -5.01 0.23 -21.54
CA LEU A 143 -5.84 -0.14 -20.39
C LEU A 143 -7.31 -0.30 -20.78
N SER A 144 -7.75 0.32 -21.88
CA SER A 144 -9.15 0.19 -22.29
C SER A 144 -9.52 -1.25 -22.62
N GLY A 145 -8.56 -2.05 -23.08
CA GLY A 145 -8.81 -3.43 -23.40
C GLY A 145 -8.41 -4.38 -22.29
N ALA A 146 -8.17 -3.83 -21.10
CA ALA A 146 -7.71 -4.65 -19.98
C ALA A 146 -8.79 -5.61 -19.52
N LYS A 147 -8.35 -6.75 -19.01
CA LYS A 147 -9.23 -7.77 -18.46
C LYS A 147 -9.20 -7.81 -16.94
N VAL A 148 -8.08 -7.47 -16.32
CA VAL A 148 -7.96 -7.30 -14.87
C VAL A 148 -7.02 -6.12 -14.61
N LEU A 149 -7.46 -5.20 -13.74
CA LEU A 149 -6.60 -4.12 -13.25
C LEU A 149 -6.32 -4.40 -11.77
N LEU A 150 -5.06 -4.71 -11.46
CA LEU A 150 -4.64 -4.99 -10.09
C LEU A 150 -3.95 -3.75 -9.53
N LEU A 151 -4.61 -3.09 -8.59
CA LEU A 151 -4.04 -1.95 -7.88
C LEU A 151 -3.27 -2.47 -6.67
N ALA A 152 -1.93 -2.40 -6.72
CA ALA A 152 -1.07 -2.90 -5.67
C ALA A 152 -0.28 -1.77 -5.04
N GLY A 153 0.32 -2.04 -3.89
CA GLY A 153 1.11 -1.05 -3.19
C GLY A 153 1.72 -1.62 -1.93
N SER A 154 2.79 -0.98 -1.48
CA SER A 154 3.51 -1.40 -0.29
C SER A 154 3.62 -0.25 0.71
N SER A 155 3.48 -0.59 2.00
N SER A 155 3.48 -0.59 2.00
CA SER A 155 3.56 0.36 3.11
CA SER A 155 3.55 0.36 3.12
C SER A 155 2.48 1.42 2.91
C SER A 155 2.48 1.42 2.91
N ALA A 156 2.83 2.70 2.78
CA ALA A 156 1.82 3.73 2.55
C ALA A 156 1.06 3.49 1.25
N GLY A 157 1.74 2.94 0.24
CA GLY A 157 1.03 2.51 -0.95
C GLY A 157 0.08 1.37 -0.71
N GLY A 158 0.39 0.52 0.28
CA GLY A 158 -0.55 -0.54 0.63
C GLY A 158 -1.82 0.00 1.27
N THR A 159 -1.68 0.96 2.19
CA THR A 159 -2.87 1.63 2.71
C THR A 159 -3.59 2.38 1.60
N GLY A 160 -2.83 2.97 0.67
CA GLY A 160 -3.44 3.69 -0.44
C GLY A 160 -4.32 2.81 -1.32
N VAL A 161 -3.94 1.53 -1.47
CA VAL A 161 -4.80 0.60 -2.20
C VAL A 161 -6.16 0.50 -1.52
N LEU A 162 -6.17 0.30 -0.20
CA LEU A 162 -7.42 0.22 0.54
C LEU A 162 -8.24 1.50 0.39
N LEU A 163 -7.58 2.65 0.32
CA LEU A 163 -8.30 3.93 0.24
C LEU A 163 -8.80 4.23 -1.16
N ASN A 164 -8.27 3.59 -2.20
CA ASN A 164 -8.56 4.00 -3.57
C ASN A 164 -9.10 2.91 -4.48
N VAL A 165 -9.11 1.64 -4.07
CA VAL A 165 -9.45 0.56 -4.99
C VAL A 165 -10.91 0.69 -5.44
N ASP A 166 -11.81 1.08 -4.53
CA ASP A 166 -13.21 1.24 -4.93
C ASP A 166 -13.42 2.47 -5.79
N ARG A 167 -12.62 3.51 -5.59
CA ARG A 167 -12.73 4.70 -6.43
C ARG A 167 -12.28 4.42 -7.86
N VAL A 168 -11.24 3.60 -8.01
CA VAL A 168 -10.79 3.21 -9.35
C VAL A 168 -11.86 2.37 -10.04
N ALA A 169 -12.46 1.43 -9.30
CA ALA A 169 -13.55 0.64 -9.88
C ALA A 169 -14.73 1.52 -10.25
N GLU A 170 -15.11 2.45 -9.36
CA GLU A 170 -16.18 3.39 -9.67
C GLU A 170 -15.83 4.27 -10.86
N GLN A 171 -14.56 4.63 -11.00
CA GLN A 171 -14.14 5.47 -12.11
C GLN A 171 -14.36 4.77 -13.45
N LEU A 172 -14.14 3.44 -13.51
CA LEU A 172 -14.10 2.75 -14.79
C LEU A 172 -15.51 2.44 -15.32
N GLU A 173 -16.39 1.89 -14.47
CA GLU A 173 -17.82 1.91 -14.77
C GLU A 173 -18.33 3.29 -15.20
N LYS A 174 -18.08 4.37 -14.44
CA LYS A 174 -18.68 5.64 -14.86
C LYS A 174 -18.11 6.11 -16.20
N LEU A 175 -16.97 5.58 -16.63
CA LEU A 175 -16.39 5.89 -17.91
C LEU A 175 -16.74 4.89 -19.01
N GLY A 176 -17.49 3.85 -18.68
CA GLY A 176 -17.95 2.91 -19.68
C GLY A 176 -17.06 1.69 -19.90
N TYR A 177 -16.39 1.21 -18.86
CA TYR A 177 -15.54 0.03 -18.94
C TYR A 177 -15.93 -0.97 -17.85
N PRO A 178 -17.11 -1.60 -17.98
CA PRO A 178 -17.53 -2.56 -16.96
C PRO A 178 -16.79 -3.89 -17.02
N ALA A 179 -16.11 -4.18 -18.14
CA ALA A 179 -15.42 -5.45 -18.29
C ALA A 179 -14.11 -5.51 -17.52
N ILE A 180 -13.54 -4.36 -17.16
CA ILE A 180 -12.28 -4.31 -16.43
C ILE A 180 -12.55 -4.65 -14.97
N GLN A 181 -12.04 -5.79 -14.51
CA GLN A 181 -12.21 -6.22 -13.13
C GLN A 181 -11.12 -5.58 -12.27
N VAL A 182 -11.52 -4.63 -11.43
CA VAL A 182 -10.57 -3.93 -10.57
C VAL A 182 -10.39 -4.72 -9.29
N ARG A 183 -9.12 -4.95 -8.92
CA ARG A 183 -8.78 -5.69 -7.71
C ARG A 183 -7.64 -4.97 -6.99
N GLY A 184 -7.45 -5.32 -5.73
CA GLY A 184 -6.45 -4.67 -4.91
C GLY A 184 -5.50 -5.66 -4.26
N LEU A 185 -4.27 -5.20 -4.06
CA LEU A 185 -3.25 -5.98 -3.35
C LEU A 185 -2.53 -5.02 -2.42
N ALA A 186 -2.78 -5.14 -1.12
CA ALA A 186 -2.26 -4.22 -0.11
C ALA A 186 -1.17 -4.94 0.68
N ASP A 187 0.07 -4.46 0.54
CA ASP A 187 1.24 -5.07 1.15
C ASP A 187 1.78 -4.15 2.24
N SER A 188 1.89 -4.70 3.46
CA SER A 188 2.48 -3.98 4.60
C SER A 188 1.78 -2.65 4.87
N GLY A 189 0.47 -2.59 4.60
CA GLY A 189 -0.29 -1.39 4.87
C GLY A 189 -1.46 -1.63 5.80
N TRP A 190 -1.40 -2.73 6.53
CA TRP A 190 -2.48 -3.17 7.41
C TRP A 190 -2.02 -2.96 8.85
N PHE A 191 -2.33 -1.79 9.40
CA PHE A 191 -1.82 -1.35 10.69
C PHE A 191 -2.90 -1.40 11.77
N LEU A 192 -2.44 -1.45 13.01
CA LEU A 192 -3.30 -1.44 14.18
C LEU A 192 -3.17 -0.13 14.91
N ASP A 193 -4.30 0.46 15.30
CA ASP A 193 -4.31 1.64 16.15
C ASP A 193 -4.26 1.22 17.62
N ASN A 194 -3.25 0.42 17.95
CA ASN A 194 -3.05 -0.10 19.28
C ASN A 194 -2.29 0.90 20.13
N LYS A 195 -2.00 0.54 21.38
CA LYS A 195 -1.19 1.38 22.25
C LYS A 195 0.29 1.01 22.16
N GLN A 196 1.13 2.05 22.12
CA GLN A 196 2.57 1.89 22.10
C GLN A 196 3.04 1.10 23.31
N TYR A 197 4.19 0.44 23.16
CA TYR A 197 4.80 -0.25 24.28
C TYR A 197 5.33 0.74 25.32
N ARG A 198 5.95 1.81 24.85
CA ARG A 198 6.45 2.88 25.72
C ARG A 198 6.03 4.22 25.13
N HIS A 199 5.44 5.07 25.96
CA HIS A 199 4.89 6.33 25.48
C HIS A 199 6.00 7.23 24.92
N THR A 200 5.66 7.97 23.86
CA THR A 200 6.57 8.92 23.25
C THR A 200 5.81 10.21 22.96
N ASP A 201 6.56 11.25 22.61
CA ASP A 201 5.99 12.53 22.21
C ASP A 201 5.86 12.56 20.70
N CYS A 202 4.63 12.70 20.21
CA CYS A 202 4.38 12.75 18.78
C CYS A 202 4.92 14.04 18.18
N VAL A 203 6.17 14.03 17.75
CA VAL A 203 6.78 15.18 17.11
C VAL A 203 7.15 14.92 15.65
N ASP A 204 7.34 13.66 15.26
CA ASP A 204 7.75 13.29 13.91
C ASP A 204 6.71 12.35 13.31
N THR A 205 7.10 11.74 12.19
CA THR A 205 6.24 10.76 11.52
C THR A 205 6.60 9.33 11.89
N ILE A 206 7.87 9.05 12.16
CA ILE A 206 8.30 7.68 12.43
C ILE A 206 7.89 7.25 13.84
N THR A 207 8.18 8.07 14.83
CA THR A 207 7.88 7.70 16.21
C THR A 207 6.75 8.56 16.76
N CYS A 208 5.57 8.45 16.17
CA CYS A 208 4.37 9.09 16.66
C CYS A 208 3.26 8.05 16.78
N ALA A 209 2.29 8.34 17.63
CA ALA A 209 1.13 7.47 17.75
C ALA A 209 0.43 7.38 16.41
N PRO A 210 0.17 6.18 15.89
CA PRO A 210 -0.42 6.07 14.55
C PRO A 210 -1.76 6.76 14.42
N THR A 211 -2.52 6.88 15.51
CA THR A 211 -3.80 7.58 15.44
C THR A 211 -3.59 9.07 15.19
N GLU A 212 -2.85 9.74 16.08
CA GLU A 212 -2.96 11.19 16.08
C GLU A 212 -2.24 11.78 14.89
N ALA A 213 -1.30 11.04 14.33
CA ALA A 213 -0.60 11.47 13.12
C ALA A 213 -1.54 11.52 11.93
N ILE A 214 -2.37 10.48 11.76
CA ILE A 214 -3.34 10.47 10.69
C ILE A 214 -4.38 11.56 10.90
N ARG A 215 -4.78 11.79 12.15
CA ARG A 215 -5.83 12.78 12.44
C ARG A 215 -5.42 14.16 11.96
N ARG A 216 -4.20 14.60 12.29
CA ARG A 216 -3.77 15.92 11.85
C ARG A 216 -3.42 15.93 10.36
N GLY A 217 -2.95 14.80 9.82
CA GLY A 217 -2.61 14.75 8.41
C GLY A 217 -3.83 14.83 7.51
N ILE A 218 -4.85 14.01 7.79
CA ILE A 218 -6.04 13.93 6.93
C ILE A 218 -6.69 15.28 6.68
N ARG A 219 -6.59 16.19 7.66
CA ARG A 219 -7.14 17.55 7.59
C ARG A 219 -6.15 18.53 6.98
N TYR A 220 -4.85 18.31 7.21
CA TYR A 220 -3.82 19.06 6.51
C TYR A 220 -3.86 18.77 5.01
N TRP A 221 -4.19 17.53 4.66
CA TRP A 221 -4.21 17.05 3.28
C TRP A 221 -5.55 17.31 2.60
N ASN A 222 -6.60 17.53 3.39
CA ASN A 222 -7.99 17.36 2.95
C ASN A 222 -8.18 15.98 2.33
N GLY A 223 -7.69 14.97 3.04
CA GLY A 223 -7.70 13.62 2.51
C GLY A 223 -9.11 13.07 2.38
N VAL A 224 -9.28 12.14 1.44
CA VAL A 224 -10.57 11.50 1.20
C VAL A 224 -10.44 10.01 1.52
N VAL A 225 -11.55 9.45 1.97
CA VAL A 225 -11.61 8.04 2.36
C VAL A 225 -12.75 7.38 1.57
N PRO A 226 -12.78 6.05 1.50
CA PRO A 226 -13.86 5.38 0.77
C PRO A 226 -15.23 5.71 1.35
N GLU A 227 -16.25 5.59 0.50
CA GLU A 227 -17.54 6.20 0.78
C GLU A 227 -18.28 5.49 1.91
N ARG A 228 -18.41 4.17 1.83
CA ARG A 228 -19.13 3.46 2.88
C ARG A 228 -18.45 3.62 4.24
N CYS A 229 -17.11 3.58 4.25
CA CYS A 229 -16.38 3.80 5.49
C CYS A 229 -16.59 5.22 6.01
N ARG A 230 -16.65 6.20 5.12
CA ARG A 230 -16.90 7.57 5.52
C ARG A 230 -18.27 7.71 6.18
N ARG A 231 -19.27 7.01 5.66
CA ARG A 231 -20.61 7.14 6.21
C ARG A 231 -20.77 6.43 7.54
N GLN A 232 -19.94 5.41 7.82
CA GLN A 232 -20.02 4.74 9.11
C GLN A 232 -19.44 5.60 10.22
N PHE A 233 -18.21 6.10 10.04
CA PHE A 233 -17.53 6.85 11.08
C PHE A 233 -17.86 8.35 11.05
N GLN A 234 -18.22 8.88 9.88
CA GLN A 234 -18.70 10.25 9.72
C GLN A 234 -17.64 11.30 10.01
N GLU A 235 -18.02 12.57 9.89
CA GLU A 235 -17.05 13.66 9.88
C GLU A 235 -16.31 13.75 11.21
N GLY A 236 -15.03 14.11 11.15
CA GLY A 236 -14.17 14.16 12.30
C GLY A 236 -13.55 12.84 12.68
N GLU A 237 -14.10 11.72 12.20
CA GLU A 237 -13.60 10.39 12.52
C GLU A 237 -13.15 9.63 11.29
N GLU A 238 -12.88 10.34 10.19
CA GLU A 238 -12.45 9.68 8.96
CA GLU A 238 -12.44 9.67 8.97
C GLU A 238 -11.07 9.06 9.09
N TRP A 239 -10.30 9.42 10.14
CA TRP A 239 -9.00 8.79 10.35
C TRP A 239 -9.13 7.29 10.54
N ASN A 240 -10.29 6.82 11.00
CA ASN A 240 -10.50 5.39 11.23
C ASN A 240 -10.34 4.59 9.94
N CYS A 241 -10.69 5.17 8.80
CA CYS A 241 -10.64 4.46 7.53
C CYS A 241 -9.22 4.25 7.01
N PHE A 242 -8.22 4.81 7.67
CA PHE A 242 -6.83 4.56 7.31
C PHE A 242 -6.30 3.26 7.92
N PHE A 243 -7.12 2.53 8.65
CA PHE A 243 -6.69 1.31 9.33
C PHE A 243 -7.42 0.13 8.71
N GLY A 244 -6.65 -0.77 8.09
CA GLY A 244 -7.15 -1.89 7.33
C GLY A 244 -8.34 -2.62 7.90
N TYR A 245 -8.28 -3.03 9.17
CA TYR A 245 -9.35 -3.83 9.72
C TYR A 245 -10.66 -3.06 9.88
N LYS A 246 -10.65 -1.74 9.76
CA LYS A 246 -11.87 -0.95 9.79
C LYS A 246 -12.40 -0.61 8.40
N VAL A 247 -11.50 -0.37 7.43
CA VAL A 247 -11.95 0.03 6.10
C VAL A 247 -12.18 -1.19 5.19
N TYR A 248 -11.48 -2.29 5.41
CA TYR A 248 -11.61 -3.45 4.53
C TYR A 248 -13.04 -4.00 4.47
N PRO A 249 -13.78 -4.16 5.57
CA PRO A 249 -15.16 -4.70 5.46
C PRO A 249 -16.09 -3.85 4.60
N THR A 250 -15.74 -2.61 4.29
CA THR A 250 -16.64 -1.71 3.57
C THR A 250 -16.41 -1.70 2.05
N LEU A 251 -15.33 -2.30 1.56
CA LEU A 251 -15.02 -2.31 0.14
C LEU A 251 -15.80 -3.41 -0.58
N ARG A 252 -16.17 -3.20 -1.84
CA ARG A 252 -16.74 -4.34 -2.54
C ARG A 252 -15.70 -5.07 -3.37
N SER A 253 -14.69 -4.35 -3.86
CA SER A 253 -13.68 -4.92 -4.73
C SER A 253 -12.86 -5.99 -4.00
N PRO A 254 -12.45 -7.05 -4.69
CA PRO A 254 -11.58 -8.05 -4.07
C PRO A 254 -10.23 -7.43 -3.72
N VAL A 255 -9.77 -7.68 -2.50
CA VAL A 255 -8.50 -7.14 -2.03
C VAL A 255 -7.74 -8.26 -1.32
N PHE A 256 -6.55 -8.59 -1.83
CA PHE A 256 -5.64 -9.52 -1.19
C PHE A 256 -4.72 -8.73 -0.25
N VAL A 257 -4.62 -9.17 1.00
CA VAL A 257 -3.88 -8.46 2.03
C VAL A 257 -2.62 -9.25 2.36
N VAL A 258 -1.47 -8.60 2.19
CA VAL A 258 -0.17 -9.18 2.56
C VAL A 258 0.37 -8.35 3.71
N GLN A 259 0.67 -9.00 4.84
CA GLN A 259 1.07 -8.25 6.04
C GLN A 259 1.93 -9.13 6.92
N TRP A 260 3.16 -8.69 7.18
CA TRP A 260 3.95 -9.32 8.22
C TRP A 260 3.22 -9.20 9.56
N LEU A 261 3.24 -10.28 10.34
CA LEU A 261 2.62 -10.23 11.66
C LEU A 261 3.36 -9.28 12.60
N PHE A 262 4.64 -9.02 12.33
CA PHE A 262 5.45 -8.13 13.17
C PHE A 262 6.13 -7.11 12.26
N ASP A 263 5.30 -6.25 11.67
CA ASP A 263 5.80 -5.25 10.72
C ASP A 263 6.72 -4.26 11.42
N GLU A 264 7.86 -3.97 10.79
CA GLU A 264 8.82 -3.05 11.40
C GLU A 264 8.22 -1.66 11.58
N ALA A 265 7.43 -1.20 10.60
CA ALA A 265 6.78 0.10 10.74
C ALA A 265 5.78 0.10 11.90
N GLN A 266 5.08 -1.01 12.09
CA GLN A 266 4.16 -1.12 13.23
C GLN A 266 4.92 -1.04 14.55
N LEU A 267 6.05 -1.76 14.66
CA LEU A 267 6.83 -1.70 15.88
C LEU A 267 7.44 -0.32 16.09
N THR A 268 7.81 0.37 15.01
CA THR A 268 8.38 1.71 15.14
C THR A 268 7.39 2.69 15.75
N VAL A 269 6.18 2.76 15.19
CA VAL A 269 5.16 3.64 15.75
C VAL A 269 4.71 3.16 17.12
N ASP A 270 4.90 1.88 17.44
CA ASP A 270 4.66 1.38 18.78
C ASP A 270 5.85 1.60 19.71
N ASN A 271 6.93 2.18 19.21
CA ASN A 271 8.15 2.44 19.99
C ASN A 271 8.70 1.15 20.58
N VAL A 272 8.84 0.13 19.74
CA VAL A 272 9.50 -1.12 20.08
C VAL A 272 10.79 -1.19 19.28
N HIS A 273 11.91 -1.35 19.97
CA HIS A 273 13.23 -1.40 19.33
C HIS A 273 13.96 -2.63 19.85
N LEU A 274 14.08 -3.64 18.99
CA LEU A 274 14.78 -4.89 19.32
C LEU A 274 16.25 -4.69 19.06
N THR A 275 17.04 -4.53 20.12
CA THR A 275 18.47 -4.31 19.97
C THR A 275 19.23 -5.62 19.81
N GLY A 276 18.93 -6.59 20.67
CA GLY A 276 19.62 -7.87 20.65
C GLY A 276 19.75 -8.44 22.05
N GLN A 277 19.49 -7.61 23.05
CA GLN A 277 19.53 -8.05 24.44
C GLN A 277 18.35 -8.98 24.73
N PRO A 278 18.42 -9.75 25.82
CA PRO A 278 17.28 -10.61 26.18
C PRO A 278 16.02 -9.78 26.43
N VAL A 279 14.93 -10.19 25.78
CA VAL A 279 13.67 -9.47 25.88
C VAL A 279 13.00 -9.79 27.20
N GLN A 280 12.57 -8.76 27.92
CA GLN A 280 11.90 -8.94 29.19
C GLN A 280 10.48 -9.43 28.99
N GLU A 281 9.84 -9.83 30.09
CA GLU A 281 8.48 -10.36 30.03
C GLU A 281 7.50 -9.34 29.46
N GLY A 282 7.59 -8.08 29.91
CA GLY A 282 6.66 -7.07 29.43
C GLY A 282 6.70 -6.90 27.93
N LEU A 283 7.91 -6.75 27.38
CA LEU A 283 8.03 -6.63 25.93
C LEU A 283 7.67 -7.93 25.22
N ARG A 284 8.00 -9.07 25.81
CA ARG A 284 7.65 -10.36 25.20
C ARG A 284 6.14 -10.50 25.08
N LEU A 285 5.40 -10.20 26.14
CA LEU A 285 3.95 -10.27 26.07
C LEU A 285 3.39 -9.24 25.09
N TYR A 286 3.98 -8.04 25.06
CA TYR A 286 3.52 -7.02 24.13
C TYR A 286 3.66 -7.49 22.69
N ILE A 287 4.78 -8.14 22.36
CA ILE A 287 5.03 -8.58 20.99
C ILE A 287 4.12 -9.76 20.63
N GLN A 288 3.95 -10.71 21.54
CA GLN A 288 3.05 -11.83 21.28
C GLN A 288 1.60 -11.36 21.17
N ASN A 289 1.21 -10.38 21.97
CA ASN A 289 -0.15 -9.85 21.86
C ASN A 289 -0.37 -9.11 20.54
N LEU A 290 0.67 -8.43 20.03
CA LEU A 290 0.54 -7.74 18.75
C LEU A 290 0.31 -8.73 17.62
N GLY A 291 1.11 -9.80 17.57
CA GLY A 291 0.90 -10.83 16.57
C GLY A 291 -0.47 -11.47 16.66
N ARG A 292 -0.95 -11.71 17.89
CA ARG A 292 -2.29 -12.26 18.06
C ARG A 292 -3.35 -11.30 17.58
N GLU A 293 -3.20 -10.01 17.84
CA GLU A 293 -4.19 -9.03 17.42
C GLU A 293 -4.27 -8.94 15.89
N LEU A 294 -3.12 -8.85 15.23
CA LEU A 294 -3.12 -8.85 13.77
C LEU A 294 -3.74 -10.14 13.22
N ARG A 295 -3.35 -11.29 13.79
CA ARG A 295 -3.96 -12.55 13.38
C ARG A 295 -5.47 -12.50 13.51
N HIS A 296 -5.97 -11.87 14.58
CA HIS A 296 -7.42 -11.81 14.78
C HIS A 296 -8.09 -10.95 13.72
N THR A 297 -7.48 -9.81 13.35
CA THR A 297 -8.08 -8.93 12.37
C THR A 297 -8.14 -9.54 10.97
N LEU A 298 -7.38 -10.61 10.71
CA LEU A 298 -7.32 -11.25 9.41
C LEU A 298 -8.16 -12.52 9.33
N LYS A 299 -8.74 -12.99 10.46
CA LYS A 299 -9.58 -14.19 10.45
C LYS A 299 -10.67 -14.12 9.37
N ASP A 300 -11.29 -12.96 9.18
CA ASP A 300 -12.38 -12.85 8.20
C ASP A 300 -11.92 -12.28 6.87
N VAL A 301 -10.61 -12.22 6.64
CA VAL A 301 -10.09 -11.76 5.34
C VAL A 301 -9.75 -13.00 4.52
N PRO A 302 -10.58 -13.36 3.54
CA PRO A 302 -10.40 -14.66 2.87
C PRO A 302 -9.13 -14.77 2.04
N ALA A 303 -8.63 -13.67 1.47
CA ALA A 303 -7.43 -13.69 0.65
C ALA A 303 -6.36 -12.90 1.40
N SER A 304 -5.44 -13.61 2.05
CA SER A 304 -4.45 -12.95 2.90
C SER A 304 -3.20 -13.82 3.02
N PHE A 305 -2.08 -13.16 3.28
CA PHE A 305 -0.77 -13.81 3.39
C PHE A 305 -0.03 -13.09 4.52
N ALA A 306 0.09 -13.74 5.66
CA ALA A 306 0.61 -13.10 6.88
C ALA A 306 1.64 -13.98 7.55
N PRO A 307 2.91 -13.90 7.13
CA PRO A 307 3.95 -14.68 7.78
C PRO A 307 4.40 -14.06 9.10
N ALA A 308 4.82 -14.93 10.02
CA ALA A 308 5.28 -14.49 11.34
C ALA A 308 6.75 -14.09 11.26
N CYS A 309 6.99 -12.93 10.65
CA CYS A 309 8.34 -12.42 10.47
C CYS A 309 8.40 -10.96 10.89
N LEU A 310 9.60 -10.53 11.29
CA LEU A 310 9.90 -9.13 11.54
C LEU A 310 10.57 -8.59 10.28
N SER A 311 9.81 -7.85 9.47
CA SER A 311 10.33 -7.33 8.21
C SER A 311 9.42 -6.18 7.77
N HIS A 312 9.63 -5.71 6.53
CA HIS A 312 8.89 -4.58 6.00
C HIS A 312 8.85 -4.69 4.48
N GLU A 313 7.63 -4.68 3.92
CA GLU A 313 7.39 -4.79 2.48
C GLU A 313 7.83 -6.14 1.93
N ILE A 314 7.37 -6.49 0.73
CA ILE A 314 7.74 -7.76 0.12
C ILE A 314 7.54 -7.77 -1.39
N ILE A 315 6.41 -7.27 -1.87
CA ILE A 315 5.97 -7.66 -3.22
C ILE A 315 6.88 -7.13 -4.33
N ILE A 316 7.65 -6.07 -4.10
CA ILE A 316 8.58 -5.58 -5.10
C ILE A 316 10.03 -5.93 -4.76
N ARG A 317 10.25 -6.75 -3.73
CA ARG A 317 11.59 -7.26 -3.47
C ARG A 317 11.89 -8.44 -4.38
N SER A 318 13.11 -8.47 -4.91
CA SER A 318 13.46 -9.47 -5.91
C SER A 318 13.36 -10.90 -5.38
N HIS A 319 13.49 -11.08 -4.06
CA HIS A 319 13.38 -12.39 -3.44
C HIS A 319 12.05 -12.60 -2.73
N TRP A 320 10.98 -11.98 -3.24
CA TRP A 320 9.65 -12.15 -2.67
C TRP A 320 9.09 -13.55 -2.89
N THR A 321 9.74 -14.37 -3.70
CA THR A 321 9.31 -15.74 -3.94
C THR A 321 9.71 -16.69 -2.83
N ASP A 322 10.61 -16.28 -1.92
CA ASP A 322 11.22 -17.23 -1.00
C ASP A 322 10.31 -17.54 0.20
N VAL A 323 9.62 -16.54 0.73
CA VAL A 323 8.85 -16.74 1.95
C VAL A 323 7.67 -17.66 1.67
N GLN A 324 7.33 -18.50 2.64
CA GLN A 324 6.23 -19.45 2.53
C GLN A 324 5.45 -19.48 3.83
N VAL A 325 4.13 -19.62 3.72
CA VAL A 325 3.26 -19.86 4.85
C VAL A 325 2.57 -21.20 4.62
N LYS A 326 2.76 -22.13 5.56
CA LYS A 326 2.18 -23.48 5.47
C LYS A 326 2.55 -24.15 4.15
N GLY A 327 3.76 -23.88 3.67
CA GLY A 327 4.28 -24.52 2.48
C GLY A 327 3.91 -23.85 1.16
N THR A 328 3.18 -22.74 1.19
CA THR A 328 2.73 -22.07 -0.02
C THR A 328 3.36 -20.69 -0.09
N SER A 329 3.94 -20.36 -1.25
CA SER A 329 4.57 -19.07 -1.43
C SER A 329 3.53 -18.00 -1.75
N LEU A 330 3.94 -16.74 -1.63
CA LEU A 330 3.04 -15.64 -1.97
C LEU A 330 2.65 -15.63 -3.44
N PRO A 331 3.57 -15.81 -4.41
CA PRO A 331 3.12 -15.86 -5.81
C PRO A 331 2.09 -16.96 -6.07
N ARG A 332 2.25 -18.12 -5.43
CA ARG A 332 1.25 -19.17 -5.59
C ARG A 332 -0.09 -18.77 -5.00
N ALA A 333 -0.08 -18.20 -3.79
CA ALA A 333 -1.32 -17.75 -3.18
C ALA A 333 -2.03 -16.72 -4.06
N LEU A 334 -1.25 -15.82 -4.68
CA LEU A 334 -1.85 -14.84 -5.58
C LEU A 334 -2.41 -15.51 -6.82
N HIS A 335 -1.73 -16.55 -7.32
CA HIS A 335 -2.29 -17.31 -8.43
C HIS A 335 -3.58 -18.01 -8.01
N CYS A 336 -3.59 -18.60 -6.81
CA CYS A 336 -4.81 -19.23 -6.31
C CYS A 336 -5.93 -18.21 -6.16
N TRP A 337 -5.59 -16.99 -5.76
CA TRP A 337 -6.57 -15.91 -5.69
C TRP A 337 -7.16 -15.63 -7.06
N ASP A 338 -6.31 -15.54 -8.08
CA ASP A 338 -6.80 -15.39 -9.46
C ASP A 338 -7.78 -16.51 -9.80
N ARG A 339 -7.44 -17.76 -9.45
CA ARG A 339 -8.32 -18.88 -9.77
C ARG A 339 -9.64 -18.78 -9.03
N SER A 340 -9.62 -18.33 -7.77
CA SER A 340 -10.84 -18.22 -7.00
C SER A 340 -11.79 -17.19 -7.56
N LEU A 341 -11.31 -16.26 -8.38
CA LEU A 341 -12.12 -15.17 -8.91
C LEU A 341 -12.58 -15.41 -10.35
N HIS A 342 -12.43 -16.63 -10.86
CA HIS A 342 -12.94 -16.94 -12.20
C HIS A 342 -14.46 -17.01 -12.17
N PRO A 351 -13.54 -23.02 -2.84
CA PRO A 351 -12.59 -23.91 -2.15
C PRO A 351 -11.75 -24.73 -3.14
N LEU A 352 -10.55 -24.25 -3.44
CA LEU A 352 -9.67 -24.90 -4.40
C LEU A 352 -8.83 -25.97 -3.72
N LYS A 353 -8.58 -27.06 -4.44
CA LYS A 353 -7.84 -28.19 -3.90
C LYS A 353 -6.34 -27.93 -4.05
N GLY A 354 -5.62 -27.92 -2.92
CA GLY A 354 -4.18 -27.71 -2.96
C GLY A 354 -3.74 -26.35 -3.43
N CYS A 355 -4.64 -25.37 -3.43
CA CYS A 355 -4.32 -24.02 -3.90
C CYS A 355 -4.93 -23.03 -2.93
N PRO A 356 -4.32 -22.87 -1.75
CA PRO A 356 -4.95 -22.04 -0.71
C PRO A 356 -4.80 -20.55 -0.99
N VAL A 357 -5.71 -19.79 -0.39
CA VAL A 357 -5.71 -18.34 -0.53
C VAL A 357 -5.69 -17.61 0.79
N HIS A 358 -6.03 -18.25 1.90
CA HIS A 358 -5.96 -17.65 3.24
C HIS A 358 -4.81 -18.31 3.99
N LEU A 359 -3.70 -17.59 4.12
CA LEU A 359 -2.46 -18.15 4.68
C LEU A 359 -1.95 -17.21 5.76
N VAL A 360 -2.22 -17.54 7.03
CA VAL A 360 -1.82 -16.72 8.17
C VAL A 360 -1.10 -17.62 9.16
N ASP A 361 0.14 -17.26 9.50
CA ASP A 361 0.90 -18.04 10.48
C ASP A 361 0.22 -18.00 11.84
N SER A 362 0.36 -19.09 12.58
CA SER A 362 -0.16 -19.19 13.93
C SER A 362 0.91 -19.24 15.01
N CYS A 363 2.18 -19.41 14.63
CA CYS A 363 3.21 -19.38 15.67
C CYS A 363 3.46 -17.94 16.11
N PRO A 364 3.77 -17.72 17.38
CA PRO A 364 3.59 -16.39 18.00
C PRO A 364 4.84 -15.53 18.18
N TRP A 365 5.96 -15.85 17.55
CA TRP A 365 7.14 -15.04 17.77
C TRP A 365 7.84 -14.71 16.45
N PRO A 366 8.48 -13.55 16.35
CA PRO A 366 9.26 -13.24 15.15
C PRO A 366 10.19 -14.36 14.74
N HIS A 367 9.98 -14.82 13.51
CA HIS A 367 10.86 -15.64 12.69
C HIS A 367 10.66 -17.11 13.04
N CYS A 368 9.53 -17.42 13.70
CA CYS A 368 9.16 -18.80 13.95
C CYS A 368 8.83 -19.52 12.66
N ASN A 369 8.46 -18.79 11.62
CA ASN A 369 8.42 -19.32 10.28
C ASN A 369 9.84 -19.40 9.75
N PRO A 370 10.33 -20.60 9.38
CA PRO A 370 11.74 -20.71 8.96
C PRO A 370 12.07 -19.97 7.67
N SER A 371 11.08 -19.66 6.83
CA SER A 371 11.32 -19.02 5.55
C SER A 371 11.33 -17.50 5.64
N CYS A 372 11.39 -16.94 6.84
CA CYS A 372 11.42 -15.50 7.01
C CYS A 372 12.69 -14.91 6.38
N PRO A 373 12.63 -13.68 5.88
CA PRO A 373 13.84 -13.06 5.33
C PRO A 373 14.93 -12.92 6.39
N THR A 374 16.15 -13.22 5.99
CA THR A 374 17.30 -13.15 6.90
C THR A 374 18.24 -12.02 6.52
C1 NAG B . -6.68 17.82 -14.58
C2 NAG B . -7.98 18.04 -15.35
C3 NAG B . -8.91 18.96 -14.56
C4 NAG B . -9.12 18.41 -13.15
C5 NAG B . -7.79 18.15 -12.46
C6 NAG B . -7.93 17.47 -11.12
C7 NAG B . -7.73 17.84 -17.77
C8 NAG B . -7.44 18.55 -19.06
N2 NAG B . -7.72 18.58 -16.66
O3 NAG B . -10.15 19.07 -15.24
O4 NAG B . -9.87 19.34 -12.38
O5 NAG B . -6.98 17.29 -13.29
O6 NAG B . -8.53 16.19 -11.25
O7 NAG B . -7.95 16.63 -17.75
S SO4 C . -15.99 8.61 -3.20
O1 SO4 C . -16.78 7.49 -3.69
O2 SO4 C . -15.00 8.98 -4.21
O3 SO4 C . -15.30 8.21 -1.97
O4 SO4 C . -16.86 9.74 -2.93
S SO4 D . 16.43 13.38 -2.42
O1 SO4 D . 15.22 12.60 -2.65
O2 SO4 D . 17.58 12.50 -2.29
O3 SO4 D . 16.27 14.17 -1.21
O4 SO4 D . 16.64 14.29 -3.55
S SO4 E . 1.17 25.79 4.88
O1 SO4 E . 1.69 24.50 4.47
O2 SO4 E . 0.42 26.39 3.78
O3 SO4 E . 0.28 25.62 6.04
O4 SO4 E . 2.27 26.67 5.24
S SO4 F . 5.72 7.42 -26.03
O1 SO4 F . 5.66 5.99 -26.30
O2 SO4 F . 4.39 8.01 -26.11
O3 SO4 F . 6.27 7.63 -24.69
O4 SO4 F . 6.59 8.07 -27.01
S SO4 G . 13.05 -2.62 26.73
O1 SO4 G . 13.26 -4.01 26.35
O2 SO4 G . 12.62 -1.86 25.56
O3 SO4 G . 14.30 -2.06 27.23
O4 SO4 G . 12.03 -2.53 27.77
C1 GOL H . 5.17 2.22 -23.46
O1 GOL H . 4.18 2.62 -24.35
C2 GOL H . 6.12 1.28 -24.22
O2 GOL H . 7.18 1.96 -24.81
C3 GOL H . 6.60 0.25 -23.18
O3 GOL H . 7.39 -0.68 -23.85
C01 U5E I . 7.58 3.09 4.73
C03 U5E I . 5.21 3.64 5.35
C05 U5E I . 4.09 3.71 6.39
C06 U5E I . 4.18 3.47 7.73
C07 U5E I . 2.97 3.60 8.47
C08 U5E I . 2.84 3.39 10.01
C09 U5E I . 1.62 4.15 10.61
C10 U5E I . 0.40 4.20 9.63
C11 U5E I . -0.91 4.36 10.15
C12 U5E I . -1.99 4.39 9.27
C13 U5E I . -1.79 4.28 7.91
C14 U5E I . -0.51 4.13 7.41
C15 U5E I . 0.61 4.09 8.30
C16 U5E I . 1.87 3.94 7.74
N02 U5E I . 6.52 3.15 5.72
O04 U5E I . 5.02 4.00 4.23
S17 U5E I . 2.42 4.08 6.10
S SO4 J . -7.92 -21.42 2.06
O1 SO4 J . -8.02 -22.27 0.88
O2 SO4 J . -8.45 -22.13 3.21
O3 SO4 J . -6.52 -21.08 2.30
O4 SO4 J . -8.68 -20.19 1.83
#